data_5MR1
#
_entry.id   5MR1
#
_cell.length_a   43.974
_cell.length_b   49.612
_cell.length_c   53.027
_cell.angle_alpha   90.00
_cell.angle_beta   90.00
_cell.angle_gamma   90.00
#
_symmetry.space_group_name_H-M   'P 21 21 21'
#
loop_
_entity.id
_entity.type
_entity.pdbx_description
1 polymer 'Interactor protein for cytohesin exchange factors 1'
2 water water
#
_entity_poly.entity_id   1
_entity_poly.type   'polypeptide(L)'
_entity_poly.pdbx_seq_one_letter_code
;SMADCQGWLYKKKEKGSFLSNKWKKFWVILKGSSLYWYSNQMAEKADGFVNLPDFTVERASECKKKHAFKISHPQIKTFY
FAAENVQEMNVWLNKLGSAVIHQ
;
_entity_poly.pdbx_strand_id   A
#
# COMPACT_ATOMS: atom_id res chain seq x y z
N ALA A 3 -1.12 16.27 0.05
CA ALA A 3 -0.86 14.85 -0.21
C ALA A 3 -0.17 14.65 -1.55
N ASP A 4 0.85 13.78 -1.57
CA ASP A 4 1.56 13.43 -2.80
C ASP A 4 0.83 12.40 -3.63
N CYS A 5 0.01 11.54 -3.00
CA CYS A 5 -0.90 10.65 -3.72
C CYS A 5 -2.00 10.23 -2.77
N GLN A 6 -3.18 9.92 -3.33
N GLN A 6 -3.20 9.96 -3.33
CA GLN A 6 -4.26 9.34 -2.56
CA GLN A 6 -4.31 9.41 -2.57
C GLN A 6 -5.15 8.51 -3.49
C GLN A 6 -5.20 8.55 -3.49
N GLY A 7 -5.86 7.56 -2.90
CA GLY A 7 -6.77 6.72 -3.66
C GLY A 7 -7.18 5.49 -2.84
N TRP A 8 -8.11 4.71 -3.41
CA TRP A 8 -8.54 3.46 -2.79
C TRP A 8 -7.53 2.33 -3.05
N LEU A 9 -7.18 1.55 -2.02
CA LEU A 9 -6.35 0.36 -2.18
C LEU A 9 -6.92 -0.76 -1.29
N TYR A 10 -6.88 -1.98 -1.82
CA TYR A 10 -7.07 -3.16 -0.98
C TYR A 10 -5.78 -3.45 -0.22
N LYS A 11 -5.93 -4.00 0.99
N LYS A 11 -5.93 -3.98 0.99
CA LYS A 11 -4.79 -4.40 1.83
CA LYS A 11 -4.79 -4.40 1.82
C LYS A 11 -5.00 -5.84 2.32
C LYS A 11 -5.01 -5.83 2.31
N LYS A 12 -3.99 -6.69 2.13
CA LYS A 12 -4.08 -8.09 2.54
C LYS A 12 -4.04 -8.18 4.07
N LYS A 13 -4.88 -9.04 4.65
CA LYS A 13 -4.85 -9.29 6.08
C LYS A 13 -3.50 -9.86 6.50
N GLU A 14 -3.01 -9.45 7.67
CA GLU A 14 -1.72 -9.96 8.16
C GLU A 14 -1.80 -11.48 8.33
N LYS A 15 -0.78 -12.17 7.81
CA LYS A 15 -0.62 -13.62 7.80
C LYS A 15 -1.56 -14.33 6.82
N GLY A 16 -2.42 -13.61 6.12
CA GLY A 16 -3.35 -14.22 5.18
C GLY A 16 -2.64 -14.82 3.97
N SER A 17 -3.25 -15.89 3.45
CA SER A 17 -2.73 -16.58 2.26
C SER A 17 -2.60 -15.65 1.06
N PHE A 18 -1.55 -15.86 0.26
CA PHE A 18 -1.40 -15.16 -1.01
C PHE A 18 -2.50 -15.58 -1.99
N LEU A 19 -3.16 -16.69 -1.74
CA LEU A 19 -4.15 -17.24 -2.67
C LEU A 19 -5.56 -16.73 -2.42
N SER A 20 -5.75 -15.89 -1.40
CA SER A 20 -7.08 -15.40 -1.06
C SER A 20 -7.35 -14.08 -1.75
N ASN A 21 -8.59 -13.89 -2.19
CA ASN A 21 -9.00 -12.62 -2.76
C ASN A 21 -9.83 -11.77 -1.82
N LYS A 22 -9.97 -12.18 -0.55
CA LYS A 22 -10.75 -11.42 0.42
C LYS A 22 -9.79 -10.46 1.15
N TRP A 23 -9.65 -9.25 0.60
CA TRP A 23 -8.85 -8.15 1.13
C TRP A 23 -9.75 -6.95 1.45
N LYS A 24 -9.46 -6.23 2.54
CA LYS A 24 -10.26 -5.07 2.92
C LYS A 24 -9.81 -3.82 2.17
N LYS A 25 -10.75 -2.94 1.81
N LYS A 25 -10.75 -2.96 1.82
CA LYS A 25 -10.47 -1.72 1.04
CA LYS A 25 -10.47 -1.72 1.12
C LYS A 25 -10.37 -0.51 1.98
C LYS A 25 -10.26 -0.59 2.13
N PHE A 26 -9.28 0.25 1.84
CA PHE A 26 -8.99 1.47 2.62
C PHE A 26 -8.85 2.66 1.68
N TRP A 27 -9.05 3.86 2.24
CA TRP A 27 -8.66 5.12 1.62
C TRP A 27 -7.22 5.44 2.07
N VAL A 28 -6.28 5.52 1.13
CA VAL A 28 -4.84 5.58 1.43
C VAL A 28 -4.26 6.93 0.97
N ILE A 29 -3.42 7.52 1.83
CA ILE A 29 -2.77 8.82 1.60
C ILE A 29 -1.26 8.70 1.83
N LEU A 30 -0.48 9.13 0.83
CA LEU A 30 0.97 9.30 0.94
C LEU A 30 1.28 10.78 1.11
N LYS A 31 2.02 11.13 2.17
CA LYS A 31 2.43 12.51 2.43
C LYS A 31 3.90 12.48 2.84
N GLY A 32 4.77 13.01 1.98
CA GLY A 32 6.21 12.91 2.21
C GLY A 32 6.66 11.48 2.26
N SER A 33 7.33 11.09 3.35
CA SER A 33 7.81 9.73 3.50
C SER A 33 6.92 8.90 4.41
N SER A 34 5.66 9.31 4.66
CA SER A 34 4.74 8.52 5.48
C SER A 34 3.48 8.10 4.70
N LEU A 35 3.04 6.87 4.94
CA LEU A 35 1.84 6.28 4.33
C LEU A 35 0.79 6.01 5.42
N TYR A 36 -0.46 6.45 5.17
CA TYR A 36 -1.58 6.33 6.11
C TYR A 36 -2.75 5.64 5.42
N TRP A 37 -3.44 4.74 6.16
CA TRP A 37 -4.67 4.10 5.64
C TRP A 37 -5.82 4.33 6.59
N TYR A 38 -6.92 4.82 6.02
CA TYR A 38 -8.14 5.21 6.73
C TYR A 38 -9.30 4.30 6.33
N SER A 39 -10.25 4.14 7.26
N SER A 39 -10.26 4.17 7.26
CA SER A 39 -11.40 3.29 6.97
CA SER A 39 -11.42 3.32 7.02
C SER A 39 -12.28 3.84 5.84
C SER A 39 -12.30 3.85 5.89
N ASN A 40 -12.34 5.17 5.70
CA ASN A 40 -13.13 5.81 4.64
C ASN A 40 -12.61 7.24 4.49
N GLN A 41 -13.22 8.00 3.57
CA GLN A 41 -12.72 9.35 3.25
C GLN A 41 -13.06 10.43 4.29
N MET A 42 -13.86 10.12 5.30
CA MET A 42 -14.23 11.11 6.31
C MET A 42 -13.63 10.85 7.69
N ALA A 43 -12.93 9.74 7.88
CA ALA A 43 -12.31 9.41 9.17
C ALA A 43 -11.21 10.39 9.53
N GLU A 44 -11.23 10.90 10.77
CA GLU A 44 -10.20 11.84 11.22
C GLU A 44 -8.90 11.15 11.62
N LYS A 45 -8.98 9.93 12.10
CA LYS A 45 -7.84 9.17 12.58
C LYS A 45 -7.63 7.95 11.69
N ALA A 46 -6.40 7.74 11.24
CA ALA A 46 -6.09 6.56 10.43
C ALA A 46 -6.11 5.27 11.26
N ASP A 47 -6.31 4.13 10.57
CA ASP A 47 -6.17 2.80 11.16
C ASP A 47 -4.72 2.34 11.31
N GLY A 48 -3.79 2.87 10.52
CA GLY A 48 -2.40 2.51 10.60
C GLY A 48 -1.59 3.48 9.77
N PHE A 49 -0.29 3.37 9.94
CA PHE A 49 0.68 4.16 9.18
C PHE A 49 2.01 3.42 9.16
N VAL A 50 2.86 3.80 8.21
CA VAL A 50 4.26 3.42 8.28
C VAL A 50 5.13 4.58 7.78
N ASN A 51 6.32 4.68 8.36
CA ASN A 51 7.38 5.56 7.86
C ASN A 51 8.22 4.81 6.85
N LEU A 52 8.27 5.31 5.63
CA LEU A 52 8.85 4.60 4.49
C LEU A 52 10.38 4.59 4.32
N PRO A 53 11.24 5.38 4.99
CA PRO A 53 12.69 5.27 4.71
C PRO A 53 13.19 3.83 4.79
N ASP A 54 13.95 3.45 3.76
CA ASP A 54 14.63 2.14 3.67
C ASP A 54 13.68 0.97 3.38
N PHE A 55 12.37 1.20 3.23
CA PHE A 55 11.48 0.15 2.74
C PHE A 55 11.83 -0.15 1.27
N THR A 56 11.57 -1.38 0.84
CA THR A 56 11.58 -1.72 -0.57
C THR A 56 10.13 -1.77 -1.11
N VAL A 57 9.99 -1.51 -2.41
CA VAL A 57 8.69 -1.45 -3.10
C VAL A 57 8.79 -2.30 -4.37
N GLU A 58 7.88 -3.27 -4.54
CA GLU A 58 7.96 -4.22 -5.66
C GLU A 58 6.57 -4.70 -6.07
N ARG A 59 6.42 -5.04 -7.37
CA ARG A 59 5.25 -5.76 -7.84
C ARG A 59 5.14 -7.10 -7.11
N ALA A 60 3.89 -7.57 -6.85
CA ALA A 60 3.65 -8.82 -6.11
C ALA A 60 2.75 -9.80 -6.90
N SER A 61 3.28 -10.34 -8.00
N SER A 61 3.28 -10.34 -8.00
CA SER A 61 2.54 -11.31 -8.80
CA SER A 61 2.53 -11.31 -8.80
C SER A 61 2.29 -12.63 -8.07
C SER A 61 2.32 -12.65 -8.09
N GLU A 62 2.97 -12.89 -6.96
CA GLU A 62 2.67 -14.05 -6.15
C GLU A 62 1.27 -13.97 -5.52
N CYS A 63 0.61 -12.80 -5.50
CA CYS A 63 -0.76 -12.70 -5.01
C CYS A 63 -1.75 -12.99 -6.12
N LYS A 64 -2.79 -13.77 -5.79
CA LYS A 64 -3.89 -13.97 -6.72
C LYS A 64 -4.62 -12.66 -7.02
N LYS A 65 -4.80 -11.80 -6.02
CA LYS A 65 -5.44 -10.49 -6.22
C LYS A 65 -4.70 -9.72 -7.31
N LYS A 66 -5.43 -9.20 -8.28
CA LYS A 66 -4.80 -8.49 -9.39
C LYS A 66 -4.21 -7.14 -8.96
N HIS A 67 -3.15 -6.74 -9.66
CA HIS A 67 -2.56 -5.40 -9.50
C HIS A 67 -2.00 -5.18 -8.11
N ALA A 68 -1.41 -6.23 -7.52
CA ALA A 68 -0.84 -6.17 -6.19
C ALA A 68 0.65 -5.78 -6.17
N PHE A 69 1.04 -5.14 -5.06
CA PHE A 69 2.42 -4.73 -4.81
C PHE A 69 2.73 -4.89 -3.31
N LYS A 70 4.04 -4.93 -3.00
CA LYS A 70 4.59 -5.28 -1.69
C LYS A 70 5.51 -4.15 -1.22
N ILE A 71 5.36 -3.71 0.05
CA ILE A 71 6.34 -2.84 0.71
C ILE A 71 6.88 -3.56 1.96
N SER A 72 8.21 -3.57 2.14
N SER A 72 8.21 -3.57 2.14
CA SER A 72 8.77 -4.37 3.24
CA SER A 72 8.82 -4.40 3.19
C SER A 72 10.02 -3.72 3.84
C SER A 72 10.04 -3.72 3.84
N HIS A 73 10.22 -3.97 5.15
CA HIS A 73 11.38 -3.49 5.99
C HIS A 73 11.69 -4.55 7.03
N PRO A 74 12.97 -4.92 7.23
CA PRO A 74 13.29 -6.08 8.09
C PRO A 74 13.05 -5.88 9.58
N GLN A 75 12.97 -4.65 10.09
CA GLN A 75 12.70 -4.41 11.51
C GLN A 75 11.25 -4.04 11.79
N ILE A 76 10.42 -3.89 10.76
CA ILE A 76 9.08 -3.38 10.97
C ILE A 76 8.09 -4.44 10.50
N LYS A 77 7.87 -4.52 9.18
CA LYS A 77 6.76 -5.31 8.66
C LYS A 77 6.84 -5.40 7.14
N THR A 78 6.10 -6.36 6.59
CA THR A 78 5.83 -6.46 5.16
C THR A 78 4.34 -6.31 4.92
N PHE A 79 3.97 -5.40 4.02
CA PHE A 79 2.58 -5.07 3.71
C PHE A 79 2.30 -5.34 2.24
N TYR A 80 1.08 -5.83 1.92
CA TYR A 80 0.67 -6.09 0.55
C TYR A 80 -0.59 -5.26 0.26
N PHE A 81 -0.57 -4.48 -0.82
CA PHE A 81 -1.68 -3.63 -1.28
C PHE A 81 -2.01 -3.99 -2.74
N ALA A 82 -3.21 -3.61 -3.19
CA ALA A 82 -3.60 -3.84 -4.59
C ALA A 82 -4.54 -2.72 -5.06
N ALA A 83 -4.34 -2.29 -6.30
CA ALA A 83 -5.18 -1.27 -6.92
C ALA A 83 -6.27 -1.91 -7.80
N GLU A 84 -7.24 -1.08 -8.22
CA GLU A 84 -8.34 -1.57 -9.06
C GLU A 84 -7.88 -1.87 -10.49
N ASN A 85 -6.82 -1.21 -10.98
CA ASN A 85 -6.34 -1.36 -12.36
C ASN A 85 -4.85 -0.99 -12.43
N VAL A 86 -4.26 -1.24 -13.61
CA VAL A 86 -2.82 -1.09 -13.82
C VAL A 86 -2.38 0.38 -13.76
N GLN A 87 -3.21 1.27 -14.29
N GLN A 87 -3.20 1.31 -14.29
CA GLN A 87 -2.88 2.68 -14.34
CA GLN A 87 -2.75 2.71 -14.31
C GLN A 87 -2.68 3.23 -12.91
C GLN A 87 -2.70 3.31 -12.90
N GLU A 88 -3.64 2.96 -12.01
CA GLU A 88 -3.52 3.40 -10.60
C GLU A 88 -2.33 2.72 -9.92
N MET A 89 -2.14 1.41 -10.17
CA MET A 89 -1.00 0.71 -9.60
C MET A 89 0.30 1.44 -9.96
N ASN A 90 0.42 1.81 -11.24
CA ASN A 90 1.64 2.47 -11.71
C ASN A 90 1.88 3.83 -11.01
N VAL A 91 0.84 4.60 -10.76
CA VAL A 91 1.02 5.86 -10.02
C VAL A 91 1.62 5.56 -8.64
N TRP A 92 1.08 4.57 -7.90
CA TRP A 92 1.58 4.20 -6.57
C TRP A 92 3.04 3.73 -6.63
N LEU A 93 3.38 2.87 -7.60
CA LEU A 93 4.77 2.43 -7.71
C LEU A 93 5.70 3.63 -7.95
N ASN A 94 5.28 4.57 -8.83
CA ASN A 94 6.02 5.83 -9.10
C ASN A 94 6.27 6.61 -7.79
N LYS A 95 5.20 6.91 -7.08
CA LYS A 95 5.29 7.77 -5.91
C LYS A 95 5.98 7.11 -4.70
N LEU A 96 5.70 5.82 -4.44
CA LEU A 96 6.33 5.13 -3.32
C LEU A 96 7.84 4.94 -3.53
N GLY A 97 8.26 4.63 -4.77
CA GLY A 97 9.69 4.50 -5.06
C GLY A 97 10.50 5.74 -4.74
N SER A 98 9.89 6.92 -4.89
CA SER A 98 10.56 8.16 -4.51
C SER A 98 10.54 8.35 -3.00
N ALA A 99 9.46 7.94 -2.34
CA ALA A 99 9.26 8.21 -0.93
C ALA A 99 10.16 7.39 0.00
N VAL A 100 10.74 6.27 -0.46
CA VAL A 100 11.64 5.44 0.35
C VAL A 100 13.09 5.90 0.34
N ILE A 101 13.44 6.83 -0.55
CA ILE A 101 14.78 7.41 -0.66
C ILE A 101 14.96 8.56 0.33
N HIS A 102 16.16 8.67 0.91
CA HIS A 102 16.45 9.73 1.87
C HIS A 102 17.94 10.07 1.84
N GLN A 103 18.32 11.16 2.53
CA GLN A 103 19.74 11.53 2.65
C GLN A 103 20.48 10.65 3.64
#